data_1U02
#
_entry.id   1U02
#
_cell.length_a   117.995
_cell.length_b   45.056
_cell.length_c   53.391
_cell.angle_alpha   90.00
_cell.angle_beta   90.65
_cell.angle_gamma   90.00
#
_symmetry.space_group_name_H-M   'C 1 2 1'
#
loop_
_entity.id
_entity.type
_entity.pdbx_description
1 polymer 'trehalose-6-phosphate phosphatase related protein'
2 non-polymer 'MAGNESIUM ION'
3 non-polymer 'SODIUM ION'
4 non-polymer GLYCEROL
5 water water
#
_entity_poly.entity_id   1
_entity_poly.type   'polypeptide(L)'
_entity_poly.pdbx_seq_one_letter_code
;(MSE)SLIFLDYDGTLVPII(MSE)NPEESYADAGLLSLISDLKERFDTYIVTGRSPEEISRFLPLDIN(MSE)ICYHGA
CSKINGQIVYNNGSDRFLGVFDRIYEDTRSWVSDFPGLRIYRKNLAVLYHLGL(MSE)GAD(MSE)KPKLRSRIEEIARI
FGVETYYGK(MSE)IIELRVPGVNKGSAIRSVRGERPAIIAGDDATDEAAFEANDDALTIKVGEGETHAKFHVADYIE
(MSE)RKILKFIE(MSE)LGVQKKQEGHHHHHH
;
_entity_poly.pdbx_strand_id   A
#
# COMPACT_ATOMS: atom_id res chain seq x y z
N SER A 2 -6.07 15.06 -14.92
CA SER A 2 -5.44 13.77 -15.25
C SER A 2 -5.37 12.85 -14.03
N LEU A 3 -4.66 11.73 -14.15
CA LEU A 3 -4.56 10.76 -13.07
C LEU A 3 -3.28 10.81 -12.25
N ILE A 4 -3.40 10.57 -10.95
CA ILE A 4 -2.25 10.51 -10.06
C ILE A 4 -2.46 9.36 -9.09
N PHE A 5 -1.48 8.48 -9.04
CA PHE A 5 -1.50 7.31 -8.18
C PHE A 5 -0.38 7.47 -7.17
N LEU A 6 -0.74 7.52 -5.89
CA LEU A 6 0.26 7.71 -4.84
C LEU A 6 0.29 6.60 -3.81
N ASP A 7 1.48 6.05 -3.58
CA ASP A 7 1.66 5.03 -2.55
C ASP A 7 1.53 5.81 -1.26
N TYR A 8 1.23 5.14 -0.15
CA TYR A 8 1.08 5.82 1.13
C TYR A 8 2.31 5.73 2.02
N ASP A 9 2.56 4.55 2.60
CA ASP A 9 3.71 4.37 3.48
C ASP A 9 5.04 4.57 2.79
N GLY A 10 5.87 5.44 3.37
CA GLY A 10 7.18 5.72 2.80
C GLY A 10 7.13 6.67 1.64
N THR A 11 5.93 7.04 1.21
CA THR A 11 5.76 7.95 0.08
C THR A 11 5.12 9.27 0.52
N LEU A 12 3.97 9.19 1.19
CA LEU A 12 3.29 10.38 1.68
C LEU A 12 3.55 10.56 3.18
N VAL A 13 3.85 9.46 3.85
CA VAL A 13 4.15 9.49 5.28
C VAL A 13 5.42 8.65 5.44
N PRO A 14 6.18 8.88 6.53
CA PRO A 14 7.40 8.11 6.72
C PRO A 14 7.12 6.69 7.21
N ILE A 15 8.10 5.82 7.03
CA ILE A 15 8.00 4.44 7.51
C ILE A 15 8.37 4.56 8.97
N ILE A 16 7.55 4.01 9.85
CA ILE A 16 7.84 4.07 11.29
C ILE A 16 7.75 2.68 11.92
N ASN A 18 5.93 1.77 14.45
CA ASN A 18 4.55 1.46 14.83
C ASN A 18 3.61 1.87 13.68
N PRO A 19 3.49 1.01 12.64
CA PRO A 19 2.63 1.30 11.48
C PRO A 19 1.17 1.63 11.75
N GLU A 20 0.66 1.23 12.91
CA GLU A 20 -0.74 1.53 13.22
C GLU A 20 -0.96 3.02 13.52
N GLU A 21 0.12 3.74 13.77
CA GLU A 21 0.05 5.17 14.11
C GLU A 21 0.15 6.11 12.91
N SER A 22 0.31 5.57 11.71
CA SER A 22 0.49 6.40 10.52
C SER A 22 -0.68 7.22 9.98
N TYR A 23 -1.33 7.96 10.86
CA TYR A 23 -2.44 8.82 10.46
C TYR A 23 -1.85 10.06 9.79
N ALA A 24 -2.55 10.59 8.79
CA ALA A 24 -2.08 11.77 8.08
C ALA A 24 -2.19 13.01 8.96
N ASP A 25 -1.14 13.83 8.97
CA ASP A 25 -1.18 15.07 9.77
C ASP A 25 -1.90 16.14 8.95
N ALA A 26 -2.21 17.26 9.59
CA ALA A 26 -2.91 18.36 8.94
C ALA A 26 -2.28 18.78 7.62
N GLY A 27 -0.95 18.78 7.58
CA GLY A 27 -0.26 19.17 6.35
C GLY A 27 -0.60 18.29 5.17
N LEU A 28 -0.59 16.97 5.40
CA LEU A 28 -0.90 16.03 4.34
C LEU A 28 -2.39 16.12 3.97
N LEU A 29 -3.24 16.30 4.98
CA LEU A 29 -4.67 16.40 4.73
C LEU A 29 -4.96 17.59 3.79
N SER A 30 -4.29 18.71 4.03
CA SER A 30 -4.49 19.90 3.20
C SER A 30 -3.99 19.66 1.77
N LEU A 31 -2.79 19.10 1.65
CA LEU A 31 -2.18 18.81 0.34
C LEU A 31 -3.04 17.91 -0.53
N ILE A 32 -3.48 16.80 0.03
CA ILE A 32 -4.29 15.84 -0.73
C ILE A 32 -5.67 16.41 -0.98
N SER A 33 -6.21 17.13 -0.01
CA SER A 33 -7.52 17.76 -0.13
C SER A 33 -7.50 18.66 -1.38
N ASP A 34 -6.45 19.46 -1.50
CA ASP A 34 -6.32 20.36 -2.65
C ASP A 34 -6.11 19.58 -3.94
N LEU A 35 -5.16 18.65 -3.90
CA LEU A 35 -4.84 17.85 -5.07
C LEU A 35 -6.03 17.11 -5.69
N LYS A 36 -6.87 16.50 -4.87
CA LYS A 36 -8.01 15.74 -5.37
C LYS A 36 -9.05 16.61 -6.07
N GLU A 37 -8.97 17.92 -5.85
CA GLU A 37 -9.89 18.85 -6.49
C GLU A 37 -9.48 19.07 -7.94
N ARG A 38 -8.20 18.90 -8.25
CA ARG A 38 -7.71 19.13 -9.60
C ARG A 38 -7.35 17.87 -10.38
N PHE A 39 -7.08 16.77 -9.67
CA PHE A 39 -6.72 15.53 -10.33
C PHE A 39 -7.48 14.33 -9.79
N ASP A 40 -7.74 13.36 -10.65
CA ASP A 40 -8.42 12.14 -10.23
C ASP A 40 -7.33 11.42 -9.42
N THR A 41 -7.42 11.54 -8.10
CA THR A 41 -6.41 10.98 -7.22
C THR A 41 -6.70 9.61 -6.63
N TYR A 42 -5.70 8.74 -6.68
CA TYR A 42 -5.80 7.39 -6.15
C TYR A 42 -4.67 7.11 -5.17
N ILE A 43 -5.01 6.55 -4.01
CA ILE A 43 -4.00 6.15 -3.05
C ILE A 43 -3.84 4.67 -3.41
N VAL A 44 -2.60 4.23 -3.63
CA VAL A 44 -2.35 2.82 -3.97
C VAL A 44 -1.49 2.28 -2.85
N THR A 45 -2.00 1.27 -2.14
CA THR A 45 -1.30 0.76 -0.98
C THR A 45 -1.54 -0.72 -0.71
N GLY A 46 -0.79 -1.27 0.24
CA GLY A 46 -0.96 -2.65 0.62
C GLY A 46 -1.89 -2.66 1.82
N ARG A 47 -2.18 -1.47 2.34
CA ARG A 47 -3.07 -1.29 3.48
C ARG A 47 -4.49 -1.62 3.04
N SER A 48 -5.38 -1.76 4.02
CA SER A 48 -6.79 -2.05 3.76
C SER A 48 -7.54 -0.74 3.59
N PRO A 49 -8.77 -0.81 3.07
CA PRO A 49 -9.58 0.41 2.87
C PRO A 49 -9.94 0.99 4.24
N GLU A 50 -10.13 0.12 5.22
CA GLU A 50 -10.47 0.59 6.56
C GLU A 50 -9.32 1.42 7.13
N GLU A 51 -8.08 1.01 6.85
CA GLU A 51 -6.90 1.74 7.33
C GLU A 51 -6.76 3.10 6.66
N ILE A 52 -6.73 3.12 5.33
CA ILE A 52 -6.56 4.39 4.63
C ILE A 52 -7.72 5.33 4.92
N SER A 53 -8.92 4.78 5.04
CA SER A 53 -10.11 5.59 5.32
C SER A 53 -10.00 6.35 6.64
N ARG A 54 -9.39 5.73 7.65
CA ARG A 54 -9.24 6.45 8.91
C ARG A 54 -7.94 7.26 8.92
N PHE A 55 -6.89 6.77 8.25
CA PHE A 55 -5.63 7.50 8.19
C PHE A 55 -5.78 8.81 7.42
N LEU A 56 -6.48 8.72 6.29
CA LEU A 56 -6.70 9.84 5.38
C LEU A 56 -8.18 9.95 5.05
N PRO A 57 -8.99 10.47 5.98
CA PRO A 57 -10.44 10.60 5.75
C PRO A 57 -10.90 11.65 4.74
N LEU A 58 -10.41 11.52 3.52
CA LEU A 58 -10.74 12.45 2.44
C LEU A 58 -11.51 11.73 1.35
N ASP A 59 -12.16 12.51 0.49
CA ASP A 59 -12.91 11.97 -0.62
C ASP A 59 -11.99 11.67 -1.80
N ILE A 60 -11.35 10.50 -1.75
CA ILE A 60 -10.45 10.07 -2.82
C ILE A 60 -10.64 8.58 -3.06
N ASN A 61 -10.19 8.12 -4.23
CA ASN A 61 -10.29 6.72 -4.58
C ASN A 61 -9.06 5.98 -4.06
N ILE A 63 -6.77 2.01 -4.20
CA ILE A 63 -6.51 0.65 -4.63
C ILE A 63 -5.77 0.08 -3.41
N CYS A 64 -6.43 -0.82 -2.69
CA CYS A 64 -5.84 -1.41 -1.48
C CYS A 64 -5.40 -2.86 -1.63
N TYR A 65 -4.67 -3.35 -0.64
CA TYR A 65 -4.16 -4.73 -0.64
C TYR A 65 -3.40 -5.00 -1.95
N HIS A 66 -2.66 -4.00 -2.42
CA HIS A 66 -1.89 -4.15 -3.65
C HIS A 66 -2.77 -4.49 -4.85
N GLY A 67 -4.07 -4.18 -4.73
CA GLY A 67 -4.99 -4.45 -5.82
C GLY A 67 -6.12 -5.42 -5.57
N ALA A 68 -6.11 -6.14 -4.44
CA ALA A 68 -7.17 -7.10 -4.15
C ALA A 68 -8.54 -6.46 -3.94
N CYS A 69 -8.55 -5.23 -3.46
CA CYS A 69 -9.79 -4.52 -3.20
C CYS A 69 -9.59 -3.04 -3.44
N SER A 70 -10.60 -2.38 -3.97
CA SER A 70 -10.54 -0.95 -4.23
C SER A 70 -11.74 -0.30 -3.58
N LYS A 71 -11.66 1.00 -3.34
CA LYS A 71 -12.78 1.74 -2.80
C LYS A 71 -12.94 2.88 -3.78
N ILE A 72 -13.99 2.78 -4.59
CA ILE A 72 -14.28 3.74 -5.64
C ILE A 72 -15.64 4.38 -5.38
N ASN A 73 -15.68 5.72 -5.30
CA ASN A 73 -16.92 6.43 -5.04
C ASN A 73 -17.54 5.92 -3.75
N GLY A 74 -16.70 5.52 -2.81
CA GLY A 74 -17.18 5.02 -1.53
C GLY A 74 -17.52 3.55 -1.51
N GLN A 75 -17.57 2.92 -2.68
CA GLN A 75 -17.91 1.50 -2.74
C GLN A 75 -16.71 0.57 -2.59
N ILE A 76 -16.85 -0.41 -1.71
CA ILE A 76 -15.81 -1.40 -1.50
C ILE A 76 -15.97 -2.39 -2.66
N VAL A 77 -15.01 -2.38 -3.57
CA VAL A 77 -15.03 -3.25 -4.72
C VAL A 77 -13.93 -4.30 -4.67
N TYR A 78 -14.31 -5.56 -4.50
CA TYR A 78 -13.35 -6.65 -4.47
C TYR A 78 -12.95 -6.94 -5.90
N ASN A 79 -11.65 -7.08 -6.14
CA ASN A 79 -11.15 -7.36 -7.48
C ASN A 79 -10.69 -8.81 -7.57
N ASN A 80 -10.81 -9.38 -8.76
CA ASN A 80 -10.36 -10.74 -8.98
C ASN A 80 -10.97 -11.76 -8.02
N GLY A 81 -12.22 -11.51 -7.62
CA GLY A 81 -12.90 -12.42 -6.71
C GLY A 81 -12.19 -12.64 -5.39
N SER A 82 -11.48 -11.61 -4.91
CA SER A 82 -10.75 -11.71 -3.66
C SER A 82 -11.66 -11.91 -2.46
N ASP A 83 -12.93 -11.56 -2.58
CA ASP A 83 -13.81 -11.73 -1.44
C ASP A 83 -13.98 -13.21 -1.06
N ARG A 84 -13.53 -14.10 -1.94
CA ARG A 84 -13.60 -15.53 -1.67
C ARG A 84 -12.67 -15.88 -0.52
N PHE A 85 -11.71 -15.00 -0.25
CA PHE A 85 -10.72 -15.19 0.81
C PHE A 85 -11.07 -14.59 2.18
N LEU A 86 -12.23 -13.95 2.30
CA LEU A 86 -12.62 -13.34 3.57
C LEU A 86 -12.63 -14.32 4.75
N GLY A 87 -13.21 -15.49 4.55
CA GLY A 87 -13.24 -16.47 5.63
C GLY A 87 -11.85 -17.01 5.96
N VAL A 88 -11.01 -17.09 4.93
CA VAL A 88 -9.65 -17.60 5.09
C VAL A 88 -8.81 -16.76 6.05
N PHE A 89 -8.75 -15.46 5.79
CA PHE A 89 -7.97 -14.60 6.65
C PHE A 89 -8.50 -14.52 8.08
N ASP A 90 -9.80 -14.75 8.26
CA ASP A 90 -10.36 -14.76 9.61
C ASP A 90 -9.77 -15.96 10.35
N ARG A 91 -9.74 -17.11 9.67
CA ARG A 91 -9.21 -18.33 10.25
C ARG A 91 -7.70 -18.23 10.47
N ILE A 92 -7.00 -17.60 9.55
CA ILE A 92 -5.55 -17.44 9.70
C ILE A 92 -5.22 -16.66 10.96
N TYR A 93 -5.96 -15.57 11.20
CA TYR A 93 -5.72 -14.75 12.38
C TYR A 93 -6.05 -15.55 13.63
N GLU A 94 -7.19 -16.23 13.62
CA GLU A 94 -7.59 -17.01 14.78
C GLU A 94 -6.57 -18.08 15.14
N ASP A 95 -6.02 -18.75 14.12
CA ASP A 95 -5.06 -19.81 14.37
C ASP A 95 -3.64 -19.32 14.65
N THR A 96 -3.34 -18.06 14.36
CA THR A 96 -1.99 -17.57 14.59
C THR A 96 -1.84 -16.42 15.58
N ARG A 97 -2.96 -15.86 16.04
CA ARG A 97 -2.88 -14.72 16.95
C ARG A 97 -2.11 -15.01 18.24
N SER A 98 -2.12 -16.27 18.68
CA SER A 98 -1.41 -16.63 19.91
C SER A 98 0.12 -16.59 19.77
N TRP A 99 0.62 -16.46 18.55
CA TRP A 99 2.05 -16.41 18.34
C TRP A 99 2.72 -15.20 18.98
N VAL A 100 1.91 -14.19 19.32
CA VAL A 100 2.47 -13.01 19.97
C VAL A 100 3.10 -13.39 21.31
N SER A 101 2.62 -14.47 21.92
CA SER A 101 3.18 -14.91 23.19
C SER A 101 4.32 -15.91 22.95
N ASP A 102 4.23 -16.67 21.86
CA ASP A 102 5.27 -17.63 21.53
C ASP A 102 6.55 -16.90 21.13
N PHE A 103 6.38 -15.75 20.48
CA PHE A 103 7.51 -14.94 20.02
C PHE A 103 7.35 -13.51 20.54
N PRO A 104 7.63 -13.27 21.84
CA PRO A 104 7.50 -11.95 22.45
C PRO A 104 8.11 -10.85 21.60
N GLY A 105 7.30 -9.84 21.28
CA GLY A 105 7.80 -8.75 20.46
C GLY A 105 7.09 -8.76 19.12
N LEU A 106 6.72 -9.96 18.67
CA LEU A 106 6.01 -10.12 17.42
C LEU A 106 4.68 -9.35 17.51
N ARG A 107 4.34 -8.66 16.44
CA ARG A 107 3.07 -7.92 16.39
C ARG A 107 2.30 -8.46 15.18
N ILE A 108 1.00 -8.65 15.36
CA ILE A 108 0.17 -9.18 14.28
C ILE A 108 -0.94 -8.19 13.97
N TYR A 109 -0.97 -7.71 12.73
CA TYR A 109 -1.98 -6.76 12.29
C TYR A 109 -2.99 -7.47 11.42
N ARG A 110 -4.20 -7.60 11.93
CA ARG A 110 -5.27 -8.27 11.22
C ARG A 110 -6.03 -7.35 10.27
N LYS A 111 -6.30 -7.85 9.08
CA LYS A 111 -7.05 -7.11 8.07
C LYS A 111 -7.97 -8.12 7.37
N ASN A 112 -9.04 -7.65 6.75
CA ASN A 112 -9.97 -8.56 6.09
C ASN A 112 -9.34 -9.44 5.01
N LEU A 113 -8.36 -8.90 4.29
CA LEU A 113 -7.73 -9.70 3.23
C LEU A 113 -6.22 -9.85 3.38
N ALA A 114 -5.74 -9.78 4.62
CA ALA A 114 -4.31 -9.95 4.86
C ALA A 114 -4.02 -9.96 6.35
N VAL A 115 -2.94 -10.63 6.72
CA VAL A 115 -2.48 -10.67 8.10
C VAL A 115 -1.00 -10.36 7.99
N LEU A 116 -0.60 -9.25 8.61
CA LEU A 116 0.77 -8.80 8.57
C LEU A 116 1.49 -9.11 9.88
N TYR A 117 2.62 -9.80 9.77
CA TYR A 117 3.42 -10.14 10.94
C TYR A 117 4.62 -9.18 10.94
N HIS A 118 4.72 -8.37 11.99
CA HIS A 118 5.82 -7.42 12.10
C HIS A 118 6.85 -7.98 13.07
N LEU A 119 8.06 -8.20 12.57
CA LEU A 119 9.13 -8.75 13.40
C LEU A 119 10.06 -7.71 13.97
N GLY A 120 9.72 -6.44 13.80
CA GLY A 120 10.56 -5.36 14.29
C GLY A 120 11.00 -5.39 15.75
N LEU A 121 10.10 -5.71 16.66
CA LEU A 121 10.45 -5.73 18.08
C LEU A 121 10.85 -7.10 18.58
N GLY A 123 12.97 -10.76 18.91
CA GLY A 123 14.36 -11.18 19.05
C GLY A 123 14.80 -11.86 17.78
N ALA A 124 16.09 -11.75 17.46
CA ALA A 124 16.65 -12.32 16.25
C ALA A 124 16.60 -13.85 16.12
N ASP A 125 16.98 -14.55 17.19
CA ASP A 125 17.04 -16.01 17.19
C ASP A 125 15.86 -16.84 16.66
N LYS A 127 13.45 -15.90 14.48
CA LYS A 127 12.85 -15.46 13.22
C LYS A 127 12.79 -16.55 12.15
N PRO A 128 13.86 -17.36 12.02
CA PRO A 128 13.78 -18.40 10.99
C PRO A 128 12.62 -19.37 11.31
N LYS A 129 12.44 -19.67 12.59
CA LYS A 129 11.37 -20.57 13.03
C LYS A 129 10.01 -19.96 12.72
N LEU A 130 9.83 -18.69 13.03
CA LEU A 130 8.57 -18.01 12.78
C LEU A 130 8.29 -17.98 11.29
N ARG A 131 9.32 -17.66 10.50
CA ARG A 131 9.17 -17.61 9.06
C ARG A 131 8.62 -18.93 8.51
N SER A 132 9.17 -20.04 8.98
CA SER A 132 8.74 -21.36 8.50
C SER A 132 7.29 -21.63 8.92
N ARG A 133 6.89 -21.15 10.11
CA ARG A 133 5.52 -21.34 10.57
C ARG A 133 4.56 -20.58 9.66
N ILE A 134 4.93 -19.35 9.33
CA ILE A 134 4.08 -18.52 8.47
C ILE A 134 3.92 -19.17 7.10
N GLU A 135 5.02 -19.68 6.54
CA GLU A 135 4.97 -20.32 5.24
C GLU A 135 4.09 -21.57 5.28
N GLU A 136 4.09 -22.25 6.42
CA GLU A 136 3.26 -23.47 6.57
C GLU A 136 1.79 -23.06 6.54
N ILE A 137 1.45 -21.99 7.25
CA ILE A 137 0.09 -21.51 7.27
C ILE A 137 -0.33 -21.11 5.85
N ALA A 138 0.59 -20.48 5.13
CA ALA A 138 0.32 -20.05 3.76
C ALA A 138 -0.02 -21.23 2.87
N ARG A 139 0.73 -22.32 3.01
CA ARG A 139 0.47 -23.50 2.18
C ARG A 139 -0.86 -24.14 2.58
N ILE A 140 -1.11 -24.20 3.88
CA ILE A 140 -2.35 -24.79 4.37
C ILE A 140 -3.60 -24.07 3.83
N PHE A 141 -3.60 -22.75 3.90
CA PHE A 141 -4.73 -21.97 3.45
C PHE A 141 -4.71 -21.54 2.00
N GLY A 142 -3.62 -21.86 1.31
CA GLY A 142 -3.52 -21.49 -0.10
C GLY A 142 -3.41 -19.99 -0.34
N VAL A 143 -2.67 -19.31 0.53
CA VAL A 143 -2.48 -17.87 0.35
C VAL A 143 -1.03 -17.62 -0.03
N GLU A 144 -0.73 -16.36 -0.33
CA GLU A 144 0.59 -15.93 -0.75
C GLU A 144 1.38 -15.23 0.34
N THR A 145 2.69 -15.42 0.34
CA THR A 145 3.55 -14.80 1.34
C THR A 145 4.43 -13.70 0.74
N TYR A 146 4.45 -12.54 1.39
CA TYR A 146 5.26 -11.40 0.96
C TYR A 146 6.30 -11.11 2.04
N TYR A 147 7.54 -10.89 1.63
CA TYR A 147 8.61 -10.60 2.58
C TYR A 147 9.10 -9.17 2.40
N GLY A 148 8.94 -8.34 3.42
CA GLY A 148 9.38 -6.96 3.34
C GLY A 148 10.41 -6.66 4.41
N LYS A 149 10.61 -5.39 4.72
CA LYS A 149 11.57 -5.01 5.75
C LYS A 149 10.95 -5.18 7.14
N ILE A 151 9.03 -7.23 7.90
CA ILE A 151 7.65 -7.65 7.65
C ILE A 151 7.46 -8.90 6.82
N ILE A 152 6.46 -9.70 7.21
CA ILE A 152 6.08 -10.89 6.48
C ILE A 152 4.55 -10.82 6.45
N GLU A 153 3.98 -10.78 5.26
CA GLU A 153 2.54 -10.67 5.15
C GLU A 153 1.90 -11.76 4.31
N LEU A 154 0.78 -12.29 4.80
CA LEU A 154 0.01 -13.30 4.09
C LEU A 154 -1.06 -12.50 3.36
N ARG A 155 -1.20 -12.74 2.07
CA ARG A 155 -2.17 -11.99 1.30
C ARG A 155 -2.81 -12.83 0.19
N VAL A 156 -3.70 -12.20 -0.57
CA VAL A 156 -4.39 -12.88 -1.68
C VAL A 156 -3.38 -13.18 -2.79
N PRO A 157 -3.34 -14.42 -3.27
CA PRO A 157 -2.39 -14.76 -4.33
C PRO A 157 -2.56 -13.88 -5.59
N GLY A 158 -1.43 -13.50 -6.19
CA GLY A 158 -1.46 -12.71 -7.41
C GLY A 158 -1.66 -11.21 -7.35
N VAL A 159 -1.79 -10.62 -6.17
CA VAL A 159 -1.97 -9.16 -6.10
C VAL A 159 -0.78 -8.45 -6.75
N ASN A 160 -1.07 -7.36 -7.46
CA ASN A 160 -0.03 -6.61 -8.16
C ASN A 160 -0.40 -5.13 -8.34
N LYS A 161 0.33 -4.24 -7.67
CA LYS A 161 0.06 -2.80 -7.77
C LYS A 161 0.06 -2.34 -9.22
N GLY A 162 1.09 -2.74 -9.97
CA GLY A 162 1.21 -2.35 -11.36
C GLY A 162 0.00 -2.69 -12.21
N SER A 163 -0.46 -3.94 -12.13
CA SER A 163 -1.61 -4.39 -12.90
C SER A 163 -2.87 -3.60 -12.53
N ALA A 164 -3.06 -3.38 -11.23
CA ALA A 164 -4.23 -2.65 -10.74
C ALA A 164 -4.21 -1.22 -11.29
N ILE A 165 -3.05 -0.57 -11.22
CA ILE A 165 -2.93 0.78 -11.73
C ILE A 165 -3.18 0.78 -13.24
N ARG A 166 -2.51 -0.12 -13.94
CA ARG A 166 -2.66 -0.25 -15.38
C ARG A 166 -4.13 -0.38 -15.76
N SER A 167 -4.84 -1.24 -15.04
CA SER A 167 -6.25 -1.51 -15.27
C SER A 167 -7.11 -0.24 -15.17
N VAL A 168 -6.74 0.66 -14.27
CA VAL A 168 -7.50 1.90 -14.10
C VAL A 168 -7.18 2.96 -15.15
N ARG A 169 -5.89 3.24 -15.34
CA ARG A 169 -5.46 4.26 -16.29
C ARG A 169 -5.44 3.85 -17.75
N GLY A 170 -5.23 2.57 -18.02
CA GLY A 170 -5.18 2.14 -19.41
C GLY A 170 -3.97 2.81 -20.02
N GLU A 171 -4.18 3.64 -21.04
CA GLU A 171 -3.08 4.34 -21.69
C GLU A 171 -3.08 5.82 -21.32
N ARG A 172 -4.07 6.24 -20.54
CA ARG A 172 -4.19 7.64 -20.12
C ARG A 172 -2.96 8.16 -19.39
N PRO A 173 -2.66 9.46 -19.54
CA PRO A 173 -1.51 10.08 -18.88
C PRO A 173 -1.66 10.00 -17.36
N ALA A 174 -0.57 9.70 -16.66
CA ALA A 174 -0.65 9.61 -15.22
C ALA A 174 0.67 9.79 -14.52
N ILE A 175 0.58 10.08 -13.23
CA ILE A 175 1.75 10.23 -12.37
C ILE A 175 1.65 9.06 -11.41
N ILE A 176 2.78 8.39 -11.17
CA ILE A 176 2.81 7.26 -10.25
C ILE A 176 4.01 7.41 -9.34
N ALA A 177 3.77 7.45 -8.04
CA ALA A 177 4.83 7.62 -7.04
C ALA A 177 4.86 6.50 -6.01
N GLY A 178 6.06 6.03 -5.69
CA GLY A 178 6.20 4.95 -4.71
C GLY A 178 7.63 4.90 -4.18
N ASP A 179 7.85 4.11 -3.13
CA ASP A 179 9.17 4.03 -2.51
C ASP A 179 9.88 2.66 -2.47
N ASP A 180 9.19 1.56 -2.73
CA ASP A 180 9.88 0.28 -2.69
C ASP A 180 9.71 -0.59 -3.93
N ALA A 181 10.17 -1.82 -3.85
CA ALA A 181 10.10 -2.76 -4.97
C ALA A 181 8.74 -2.92 -5.62
N THR A 182 7.68 -2.96 -4.81
CA THR A 182 6.34 -3.12 -5.36
C THR A 182 5.96 -1.93 -6.22
N ASP A 183 6.55 -0.78 -5.93
CA ASP A 183 6.27 0.42 -6.69
C ASP A 183 7.19 0.42 -7.92
N GLU A 184 8.40 -0.07 -7.72
CA GLU A 184 9.37 -0.15 -8.80
C GLU A 184 8.76 -1.03 -9.88
N ALA A 185 8.08 -2.08 -9.45
CA ALA A 185 7.43 -3.00 -10.38
C ALA A 185 6.27 -2.28 -11.07
N ALA A 186 5.57 -1.45 -10.30
CA ALA A 186 4.45 -0.68 -10.85
C ALA A 186 4.95 0.28 -11.93
N PHE A 187 6.13 0.84 -11.75
CA PHE A 187 6.69 1.75 -12.76
C PHE A 187 6.92 0.97 -14.05
N GLU A 188 7.48 -0.24 -13.90
CA GLU A 188 7.77 -1.14 -15.01
C GLU A 188 6.51 -1.46 -15.82
N ALA A 189 5.40 -1.68 -15.12
CA ALA A 189 4.13 -2.01 -15.79
C ALA A 189 3.41 -0.77 -16.31
N ASN A 190 3.98 0.40 -16.05
CA ASN A 190 3.41 1.67 -16.49
C ASN A 190 4.55 2.62 -16.85
N ASP A 191 5.56 2.09 -17.53
CA ASP A 191 6.72 2.91 -17.90
C ASP A 191 6.46 4.13 -18.76
N ASP A 192 5.26 4.22 -19.33
CA ASP A 192 4.94 5.38 -20.16
C ASP A 192 4.37 6.53 -19.31
N ALA A 193 4.28 6.29 -18.00
CA ALA A 193 3.76 7.31 -17.10
C ALA A 193 4.87 8.10 -16.42
N LEU A 194 4.51 9.18 -15.76
CA LEU A 194 5.48 10.01 -15.04
C LEU A 194 5.73 9.31 -13.71
N THR A 195 6.73 8.44 -13.70
CA THR A 195 7.08 7.66 -12.52
C THR A 195 8.00 8.43 -11.57
N ILE A 196 7.66 8.40 -10.28
CA ILE A 196 8.43 9.12 -9.27
C ILE A 196 8.87 8.18 -8.14
N LYS A 197 10.17 8.05 -7.96
CA LYS A 197 10.70 7.19 -6.91
C LYS A 197 11.01 8.02 -5.66
N VAL A 198 10.61 7.52 -4.50
CA VAL A 198 10.88 8.21 -3.25
C VAL A 198 11.89 7.38 -2.47
N GLY A 199 12.96 8.02 -2.01
CA GLY A 199 13.96 7.31 -1.24
C GLY A 199 15.18 6.83 -1.98
N GLU A 200 16.15 6.34 -1.21
CA GLU A 200 17.40 5.84 -1.74
C GLU A 200 17.22 4.53 -2.51
N GLY A 201 18.21 4.18 -3.34
CA GLY A 201 18.12 2.95 -4.10
C GLY A 201 18.09 3.17 -5.60
N GLU A 202 18.50 2.16 -6.37
CA GLU A 202 18.52 2.24 -7.82
C GLU A 202 17.06 2.19 -8.31
N THR A 203 16.76 2.88 -9.39
CA THR A 203 15.40 2.88 -9.91
C THR A 203 15.31 3.27 -11.37
N HIS A 204 14.18 2.94 -12.00
CA HIS A 204 13.95 3.26 -13.39
C HIS A 204 12.88 4.35 -13.52
N ALA A 205 12.55 4.98 -12.40
CA ALA A 205 11.54 6.04 -12.38
C ALA A 205 12.08 7.24 -13.16
N LYS A 206 11.18 8.01 -13.75
CA LYS A 206 11.60 9.18 -14.52
C LYS A 206 12.06 10.32 -13.63
N PHE A 207 11.49 10.40 -12.42
CA PHE A 207 11.85 11.46 -11.48
C PHE A 207 12.16 10.81 -10.14
N HIS A 208 13.06 11.42 -9.37
CA HIS A 208 13.44 10.85 -8.09
C HIS A 208 13.51 11.89 -6.98
N VAL A 209 12.90 11.59 -5.84
CA VAL A 209 12.91 12.49 -4.68
C VAL A 209 13.50 11.75 -3.46
N ALA A 210 14.03 12.53 -2.51
CA ALA A 210 14.68 11.97 -1.33
C ALA A 210 13.80 11.27 -0.29
N ASP A 211 12.70 11.90 0.08
CA ASP A 211 11.80 11.33 1.10
C ASP A 211 10.37 11.81 0.92
N TYR A 212 9.51 11.47 1.89
CA TYR A 212 8.11 11.86 1.83
C TYR A 212 7.97 13.38 1.91
N ILE A 213 8.90 14.04 2.60
CA ILE A 213 8.87 15.49 2.73
C ILE A 213 9.03 16.13 1.36
N GLU A 214 10.01 15.67 0.58
CA GLU A 214 10.23 16.22 -0.76
C GLU A 214 9.05 15.83 -1.65
N ARG A 216 5.98 15.46 -0.80
CA ARG A 216 4.88 16.34 -0.49
C ARG A 216 5.09 17.70 -1.16
N LYS A 217 6.34 18.13 -1.21
CA LYS A 217 6.70 19.42 -1.80
C LYS A 217 6.38 19.43 -3.29
N ILE A 218 6.63 18.30 -3.95
CA ILE A 218 6.35 18.19 -5.38
C ILE A 218 4.84 18.27 -5.61
N LEU A 219 4.07 17.59 -4.77
CA LEU A 219 2.62 17.60 -4.88
C LEU A 219 2.11 19.02 -4.61
N LYS A 220 2.73 19.68 -3.63
CA LYS A 220 2.38 21.04 -3.27
C LYS A 220 2.56 21.94 -4.50
N PHE A 221 3.68 21.74 -5.21
CA PHE A 221 3.98 22.52 -6.40
C PHE A 221 2.99 22.27 -7.54
N ILE A 222 2.68 21.00 -7.78
CA ILE A 222 1.74 20.66 -8.85
C ILE A 222 0.41 21.38 -8.62
N GLU A 223 0.03 21.50 -7.36
CA GLU A 223 -1.21 22.18 -6.99
C GLU A 223 -1.14 23.66 -7.39
N LEU A 225 0.56 24.95 -9.61
CA LEU A 225 0.56 25.02 -11.07
C LEU A 225 -0.87 25.11 -11.58
N GLY A 226 -1.75 24.30 -10.99
CA GLY A 226 -3.15 24.31 -11.39
C GLY A 226 -3.84 25.62 -11.07
N VAL A 227 -3.45 26.22 -9.95
CA VAL A 227 -4.05 27.48 -9.53
C VAL A 227 -3.79 28.58 -10.57
N GLN A 228 -2.60 28.55 -11.18
CA GLN A 228 -2.23 29.52 -12.20
C GLN A 228 -2.87 29.13 -13.53
N LYS A 229 -2.83 27.83 -13.83
CA LYS A 229 -3.35 27.27 -15.06
C LYS A 229 -4.80 27.63 -15.41
N LYS A 230 -5.62 27.89 -14.39
CA LYS A 230 -7.02 28.23 -14.65
C LYS A 230 -7.27 29.74 -14.63
#